data_8YOA
#
_entry.id   8YOA
#
_cell.length_a   43.220
_cell.length_b   63.240
_cell.length_c   123.560
_cell.angle_alpha   90.000
_cell.angle_beta   90.000
_cell.angle_gamma   90.000
#
_symmetry.space_group_name_H-M   'P 21 21 21'
#
loop_
_entity.id
_entity.type
_entity.pdbx_description
1 polymer 'Endolytic murein transglycosylase'
2 water water
#
_entity_poly.entity_id   1
_entity_poly.type   'polypeptide(L)'
_entity_poly.pdbx_seq_one_letter_code
;VTDYSGSGVKDFVFEVHRGDTTKVIGQRLKDEGVVATPSAFTDAAAGNQAIAAIQPGFYKLRTKIAGKEAVARLAEQDNR
VGLLVIPEGRQLDDVSAVSNGAVTEGIFTLIARASCVDLDGDKHCVAASDLRQAATTASQGELDVPDWASNGVNAVRDDH
RRIEGLIAAGRWDFDPMAEPEQILASLIRESNAQYQQLGLLSSDAAGLSPYQVLVVASLLQREAKPRDFAKVARVVYNRL
AKHQKLEFDSTVNYPLDRQEVATTDEDRERKTLWNTYVSQGLSGTPISSPSPEALQAAERPEPGDWLYFVTIDAEGTTLF
TADYNEHLANIELAKKNGILDSAR
;
_entity_poly.pdbx_strand_id   A
#
# COMPACT_ATOMS: atom_id res chain seq x y z
N VAL A 1 -1.67 -38.72 27.82
CA VAL A 1 -2.10 -37.53 28.57
C VAL A 1 -3.47 -37.03 28.07
N THR A 2 -4.09 -36.13 28.83
CA THR A 2 -5.43 -35.69 28.47
C THR A 2 -5.37 -34.87 27.17
N ASP A 3 -6.31 -35.16 26.28
CA ASP A 3 -6.41 -34.58 24.95
C ASP A 3 -7.89 -34.58 24.63
N TYR A 4 -8.43 -33.41 24.23
CA TYR A 4 -9.86 -33.31 24.01
C TYR A 4 -10.30 -34.17 22.84
N SER A 5 -11.58 -34.56 22.88
CA SER A 5 -12.26 -35.20 21.78
C SER A 5 -13.42 -34.32 21.35
N GLY A 6 -13.94 -34.59 20.16
CA GLY A 6 -15.13 -33.91 19.68
C GLY A 6 -14.85 -32.61 18.94
N SER A 7 -15.95 -31.92 18.61
CA SER A 7 -15.89 -30.90 17.59
C SER A 7 -15.67 -29.49 18.13
N GLY A 8 -15.41 -29.32 19.43
CA GLY A 8 -15.04 -28.03 19.97
C GLY A 8 -16.21 -27.19 20.41
N VAL A 9 -15.91 -25.96 20.86
CA VAL A 9 -16.92 -25.13 21.52
C VAL A 9 -17.08 -23.74 20.89
N LYS A 10 -15.98 -23.00 20.71
CA LYS A 10 -16.08 -21.62 20.25
C LYS A 10 -14.97 -21.28 19.27
N ASP A 11 -15.35 -20.70 18.12
CA ASP A 11 -14.40 -20.17 17.13
C ASP A 11 -13.84 -18.85 17.63
N PHE A 12 -12.55 -18.63 17.38
CA PHE A 12 -11.95 -17.36 17.78
C PHE A 12 -10.68 -17.15 16.96
N VAL A 13 -10.07 -15.98 17.14
CA VAL A 13 -8.82 -15.63 16.45
C VAL A 13 -7.67 -15.75 17.42
N PHE A 14 -6.67 -16.55 17.04
CA PHE A 14 -5.47 -16.81 17.83
C PHE A 14 -4.30 -16.18 17.11
N GLU A 15 -3.38 -15.58 17.87
CA GLU A 15 -2.22 -14.91 17.29
C GLU A 15 -0.95 -15.69 17.60
N VAL A 16 -0.20 -16.01 16.57
CA VAL A 16 1.17 -16.51 16.71
C VAL A 16 2.10 -15.29 16.73
N HIS A 17 2.92 -15.17 17.78
CA HIS A 17 3.81 -14.01 17.92
C HIS A 17 5.15 -14.29 17.25
N ARG A 18 5.80 -13.22 16.81
CA ARG A 18 7.16 -13.35 16.31
C ARG A 18 8.07 -13.91 17.40
N GLY A 19 8.85 -14.93 17.04
CA GLY A 19 9.68 -15.63 17.99
C GLY A 19 9.05 -16.84 18.66
N ASP A 20 7.77 -17.13 18.43
CA ASP A 20 7.15 -18.28 19.06
C ASP A 20 7.64 -19.57 18.45
N THR A 21 8.11 -20.49 19.29
CA THR A 21 8.44 -21.88 18.92
C THR A 21 7.19 -22.76 18.98
N THR A 22 7.31 -23.96 18.38
CA THR A 22 6.21 -24.94 18.47
C THR A 22 5.82 -25.21 19.91
N LYS A 23 6.81 -25.39 20.79
CA LYS A 23 6.53 -25.62 22.20
C LYS A 23 5.77 -24.45 22.82
N VAL A 24 6.20 -23.21 22.53
CA VAL A 24 5.53 -22.06 23.12
C VAL A 24 4.10 -21.94 22.57
N ILE A 25 3.93 -22.19 21.27
CA ILE A 25 2.58 -22.19 20.70
C ILE A 25 1.71 -23.24 21.41
N GLY A 26 2.27 -24.42 21.70
CA GLY A 26 1.51 -25.43 22.42
C GLY A 26 1.08 -24.97 23.81
N GLN A 27 1.97 -24.26 24.50
CA GLN A 27 1.60 -23.69 25.80
C GLN A 27 0.51 -22.64 25.67
N ARG A 28 0.62 -21.75 24.68
CA ARG A 28 -0.39 -20.70 24.47
C ARG A 28 -1.73 -21.32 24.04
N LEU A 29 -1.69 -22.39 23.26
CA LEU A 29 -2.93 -23.07 22.85
C LEU A 29 -3.60 -23.73 24.05
N LYS A 30 -2.82 -24.31 24.98
CA LYS A 30 -3.41 -24.76 26.24
C LYS A 30 -4.00 -23.59 27.03
N ASP A 31 -3.27 -22.48 27.12
CA ASP A 31 -3.73 -21.40 27.98
C ASP A 31 -5.01 -20.76 27.45
N GLU A 32 -5.24 -20.82 26.14
CA GLU A 32 -6.45 -20.22 25.58
C GLU A 32 -7.59 -21.23 25.45
N GLY A 33 -7.43 -22.43 26.02
CA GLY A 33 -8.49 -23.40 26.01
C GLY A 33 -8.67 -24.13 24.70
N VAL A 34 -7.64 -24.14 23.86
CA VAL A 34 -7.75 -24.90 22.61
C VAL A 34 -7.46 -26.38 22.86
N VAL A 35 -6.32 -26.68 23.48
CA VAL A 35 -5.91 -28.07 23.69
C VAL A 35 -5.84 -28.37 25.19
N ALA A 36 -6.01 -29.65 25.53
CA ALA A 36 -6.09 -30.03 26.95
C ALA A 36 -4.75 -29.91 27.66
N THR A 37 -3.66 -30.26 27.00
CA THR A 37 -2.30 -30.12 27.50
C THR A 37 -1.45 -29.60 26.36
N PRO A 38 -0.33 -28.92 26.66
CA PRO A 38 0.57 -28.47 25.57
C PRO A 38 1.12 -29.63 24.74
N SER A 39 1.48 -30.75 25.39
CA SER A 39 2.05 -31.86 24.64
C SER A 39 1.04 -32.50 23.70
N ALA A 40 -0.27 -32.33 23.97
CA ALA A 40 -1.26 -32.74 22.98
C ALA A 40 -1.02 -32.03 21.65
N PHE A 41 -0.67 -30.75 21.70
CA PHE A 41 -0.35 -30.04 20.47
C PHE A 41 1.01 -30.47 19.94
N THR A 42 2.04 -30.45 20.79
CA THR A 42 3.40 -30.62 20.26
C THR A 42 3.62 -32.03 19.73
N ASP A 43 3.05 -33.05 20.39
CA ASP A 43 3.14 -34.42 19.86
C ASP A 43 2.52 -34.52 18.48
N ALA A 44 1.31 -33.98 18.30
CA ALA A 44 0.65 -34.00 17.00
C ALA A 44 1.36 -33.14 15.97
N ALA A 45 2.11 -32.12 16.40
CA ALA A 45 2.81 -31.27 15.45
C ALA A 45 4.16 -31.83 15.04
N ALA A 46 4.67 -32.85 15.75
CA ALA A 46 6.00 -33.39 15.45
C ALA A 46 6.12 -33.78 13.97
N GLY A 47 7.20 -33.34 13.34
CA GLY A 47 7.42 -33.67 11.95
C GLY A 47 6.44 -33.05 10.98
N ASN A 48 5.71 -32.03 11.39
CA ASN A 48 4.84 -31.27 10.49
C ASN A 48 5.59 -30.03 10.05
N GLN A 49 5.80 -29.89 8.73
CA GLN A 49 6.56 -28.77 8.21
C GLN A 49 5.72 -27.49 8.17
N ALA A 50 4.40 -27.61 7.98
CA ALA A 50 3.57 -26.42 8.03
C ALA A 50 3.65 -25.76 9.41
N ILE A 51 3.59 -26.56 10.48
CA ILE A 51 3.70 -26.00 11.82
C ILE A 51 5.11 -25.45 12.07
N ALA A 52 6.14 -26.18 11.63
CA ALA A 52 7.52 -25.76 11.86
C ALA A 52 7.80 -24.41 11.21
N ALA A 53 7.20 -24.15 10.05
CA ALA A 53 7.37 -22.91 9.32
C ALA A 53 6.22 -21.91 9.52
N ILE A 54 5.38 -22.10 10.55
CA ILE A 54 4.26 -21.19 10.72
C ILE A 54 4.77 -19.77 10.95
N GLN A 55 4.09 -18.76 10.29
CA GLN A 55 4.46 -17.35 10.36
C GLN A 55 3.72 -16.65 11.49
N PRO A 56 4.30 -15.60 12.06
CA PRO A 56 3.53 -14.75 12.98
C PRO A 56 2.30 -14.23 12.26
N GLY A 57 1.20 -14.10 12.99
CA GLY A 57 -0.03 -13.69 12.36
C GLY A 57 -1.25 -14.22 13.08
N PHE A 58 -2.40 -14.10 12.41
CA PHE A 58 -3.70 -14.37 13.02
C PHE A 58 -4.38 -15.54 12.33
N TYR A 59 -5.00 -16.40 13.14
CA TYR A 59 -5.46 -17.71 12.71
C TYR A 59 -6.82 -18.01 13.33
N LYS A 60 -7.82 -18.32 12.50
CA LYS A 60 -9.08 -18.81 13.04
C LYS A 60 -8.89 -20.20 13.64
N LEU A 61 -9.17 -20.34 14.93
CA LEU A 61 -9.12 -21.64 15.60
C LEU A 61 -10.42 -21.88 16.34
N ARG A 62 -10.48 -22.97 17.11
CA ARG A 62 -11.66 -23.33 17.89
C ARG A 62 -11.22 -23.88 19.24
N THR A 63 -11.97 -23.58 20.29
CA THR A 63 -11.67 -24.07 21.62
C THR A 63 -12.05 -25.55 21.80
N LYS A 64 -11.36 -26.21 22.74
CA LYS A 64 -11.72 -27.54 23.24
C LYS A 64 -11.73 -28.59 22.12
N ILE A 65 -10.60 -28.69 21.42
CA ILE A 65 -10.44 -29.61 20.31
C ILE A 65 -9.19 -30.46 20.53
N ALA A 66 -9.07 -31.52 19.73
CA ALA A 66 -7.92 -32.40 19.80
C ALA A 66 -6.66 -31.73 19.28
N GLY A 67 -5.50 -32.21 19.76
CA GLY A 67 -4.23 -31.65 19.31
C GLY A 67 -4.05 -31.74 17.81
N LYS A 68 -4.34 -32.92 17.23
CA LYS A 68 -4.16 -33.09 15.79
C LYS A 68 -5.09 -32.18 15.00
N GLU A 69 -6.29 -31.92 15.55
CA GLU A 69 -7.23 -30.97 14.94
C GLU A 69 -6.68 -29.54 15.00
N ALA A 70 -6.07 -29.16 16.13
CA ALA A 70 -5.45 -27.84 16.22
C ALA A 70 -4.34 -27.70 15.19
N VAL A 71 -3.52 -28.75 15.04
CA VAL A 71 -2.46 -28.76 14.04
C VAL A 71 -3.03 -28.61 12.64
N ALA A 72 -4.04 -29.41 12.30
CA ALA A 72 -4.64 -29.30 10.97
C ALA A 72 -5.21 -27.91 10.74
N ARG A 73 -5.88 -27.33 11.74
CA ARG A 73 -6.45 -26.00 11.55
C ARG A 73 -5.36 -24.96 11.34
N LEU A 74 -4.27 -25.03 12.13
CA LEU A 74 -3.19 -24.06 11.97
C LEU A 74 -2.48 -24.21 10.63
N ALA A 75 -2.37 -25.44 10.13
CA ALA A 75 -1.75 -25.74 8.84
C ALA A 75 -2.67 -25.46 7.65
N GLU A 76 -3.95 -25.20 7.88
CA GLU A 76 -4.85 -24.95 6.76
C GLU A 76 -4.76 -23.47 6.37
N GLN A 77 -4.31 -23.21 5.12
CA GLN A 77 -4.11 -21.85 4.65
C GLN A 77 -5.37 -21.00 4.80
N ASP A 78 -6.55 -21.61 4.61
CA ASP A 78 -7.79 -20.86 4.66
C ASP A 78 -8.12 -20.26 6.02
N ASN A 79 -7.47 -20.73 7.09
CA ASN A 79 -7.71 -20.17 8.41
C ASN A 79 -6.82 -18.96 8.72
N ARG A 80 -5.94 -18.58 7.79
CA ARG A 80 -5.17 -17.35 7.92
C ARG A 80 -6.09 -16.15 7.75
N VAL A 81 -6.01 -15.20 8.67
CA VAL A 81 -6.90 -14.05 8.67
C VAL A 81 -6.09 -12.80 9.02
N GLY A 82 -6.56 -11.65 8.54
CA GLY A 82 -5.80 -10.42 8.70
C GLY A 82 -4.47 -10.40 7.99
N LEU A 83 -4.33 -11.14 6.91
CA LEU A 83 -3.16 -11.09 6.01
C LEU A 83 -3.54 -10.31 4.76
N LEU A 84 -2.79 -9.25 4.47
CA LEU A 84 -3.16 -8.24 3.49
C LEU A 84 -2.05 -8.05 2.48
N VAL A 85 -2.40 -8.02 1.20
CA VAL A 85 -1.48 -7.59 0.15
C VAL A 85 -1.95 -6.27 -0.43
N ILE A 86 -1.05 -5.30 -0.47
CA ILE A 86 -1.32 -4.03 -1.16
C ILE A 86 -0.35 -3.95 -2.34
N PRO A 87 -0.84 -4.14 -3.57
CA PRO A 87 0.03 -4.04 -4.74
C PRO A 87 0.54 -2.63 -4.95
N GLU A 88 1.69 -2.54 -5.60
CA GLU A 88 2.30 -1.24 -5.86
C GLU A 88 1.34 -0.33 -6.62
N GLY A 89 1.33 0.95 -6.24
CA GLY A 89 0.55 1.95 -6.94
C GLY A 89 -0.92 2.03 -6.59
N ARG A 90 -1.39 1.26 -5.61
CA ARG A 90 -2.76 1.41 -5.16
C ARG A 90 -2.94 2.74 -4.43
N GLN A 91 -4.20 3.17 -4.37
CA GLN A 91 -4.69 4.33 -3.61
C GLN A 91 -5.55 3.86 -2.46
N LEU A 92 -5.96 4.82 -1.62
CA LEU A 92 -6.89 4.49 -0.55
C LEU A 92 -8.27 4.11 -1.11
N ASP A 93 -8.74 4.85 -2.12
CA ASP A 93 -10.05 4.62 -2.73
C ASP A 93 -9.97 3.66 -3.91
N ASP A 94 -11.08 2.95 -4.13
CA ASP A 94 -11.27 2.24 -5.38
C ASP A 94 -11.14 3.23 -6.54
N VAL A 95 -10.64 2.74 -7.66
CA VAL A 95 -10.41 3.60 -8.83
C VAL A 95 -11.15 2.99 -10.01
N SER A 96 -12.07 3.75 -10.59
CA SER A 96 -12.80 3.28 -11.75
C SER A 96 -11.98 3.46 -13.02
N ALA A 97 -12.21 2.56 -13.98
CA ALA A 97 -11.64 2.69 -15.31
C ALA A 97 -12.69 3.32 -16.22
N VAL A 98 -12.47 4.58 -16.59
CA VAL A 98 -13.24 5.18 -17.69
C VAL A 98 -12.76 4.67 -19.03
N SER A 99 -11.65 3.90 -19.06
CA SER A 99 -11.09 3.18 -20.20
C SER A 99 -11.94 1.96 -20.62
N ASN A 100 -13.12 1.86 -20.00
CA ASN A 100 -14.13 0.80 -20.13
C ASN A 100 -13.76 -0.47 -19.36
N GLY A 101 -12.57 -0.54 -18.75
CA GLY A 101 -12.14 -1.70 -17.99
C GLY A 101 -12.69 -1.70 -16.56
N ALA A 102 -12.14 -2.62 -15.76
CA ALA A 102 -12.65 -2.94 -14.44
C ALA A 102 -12.18 -1.97 -13.36
N VAL A 103 -12.99 -1.88 -12.30
CA VAL A 103 -12.59 -1.17 -11.09
C VAL A 103 -11.28 -1.75 -10.55
N THR A 104 -10.43 -0.87 -10.04
CA THR A 104 -9.24 -1.27 -9.28
C THR A 104 -9.50 -0.99 -7.80
N GLU A 105 -9.54 -2.05 -7.00
CA GLU A 105 -9.83 -1.94 -5.58
C GLU A 105 -8.72 -1.23 -4.83
N GLY A 106 -9.12 -0.34 -3.93
CA GLY A 106 -8.17 0.42 -3.15
C GLY A 106 -7.87 -0.23 -1.81
N ILE A 107 -7.05 0.48 -1.03
CA ILE A 107 -6.52 -0.06 0.22
C ILE A 107 -7.63 -0.30 1.24
N PHE A 108 -8.61 0.61 1.36
CA PHE A 108 -9.73 0.39 2.28
C PHE A 108 -10.49 -0.90 1.95
N THR A 109 -10.86 -1.08 0.67
CA THR A 109 -11.53 -2.31 0.27
C THR A 109 -10.68 -3.54 0.58
N LEU A 110 -9.37 -3.46 0.29
CA LEU A 110 -8.51 -4.62 0.52
C LEU A 110 -8.35 -4.92 2.01
N ILE A 111 -8.22 -3.89 2.85
CA ILE A 111 -8.15 -4.13 4.29
C ILE A 111 -9.44 -4.81 4.75
N ALA A 112 -10.59 -4.25 4.36
CA ALA A 112 -11.86 -4.82 4.77
C ALA A 112 -11.95 -6.28 4.36
N ARG A 113 -11.58 -6.60 3.13
CA ARG A 113 -11.65 -7.98 2.67
C ARG A 113 -10.70 -8.88 3.48
N ALA A 114 -9.48 -8.41 3.71
CA ALA A 114 -8.53 -9.15 4.53
C ALA A 114 -9.04 -9.38 5.94
N SER A 115 -9.94 -8.51 6.43
CA SER A 115 -10.38 -8.57 7.82
C SER A 115 -11.43 -9.65 8.11
N CYS A 116 -11.99 -10.29 7.08
CA CYS A 116 -13.16 -11.14 7.29
C CYS A 116 -12.78 -12.45 7.97
N VAL A 117 -13.52 -12.80 9.02
CA VAL A 117 -13.34 -14.06 9.75
C VAL A 117 -14.71 -14.68 9.97
N ASP A 118 -14.86 -15.94 9.57
CA ASP A 118 -16.09 -16.70 9.86
C ASP A 118 -16.00 -17.24 11.28
N LEU A 119 -16.82 -16.74 12.18
CA LEU A 119 -16.84 -17.14 13.59
C LEU A 119 -18.20 -17.76 13.91
N ASP A 120 -18.23 -19.09 14.03
CA ASP A 120 -19.46 -19.81 14.36
C ASP A 120 -20.62 -19.35 13.48
N GLY A 121 -20.40 -19.35 12.18
CA GLY A 121 -21.42 -18.88 11.24
C GLY A 121 -21.36 -17.41 10.88
N ASP A 122 -21.17 -16.53 11.87
CA ASP A 122 -21.17 -15.10 11.59
C ASP A 122 -19.91 -14.72 10.81
N LYS A 123 -20.09 -14.19 9.60
CA LYS A 123 -18.98 -13.56 8.89
C LYS A 123 -18.73 -12.18 9.49
N HIS A 124 -17.52 -11.94 9.98
CA HIS A 124 -17.19 -10.75 10.75
C HIS A 124 -16.11 -9.99 9.99
N CYS A 125 -16.44 -8.79 9.50
CA CYS A 125 -15.51 -7.95 8.78
C CYS A 125 -15.56 -6.52 9.32
N VAL A 126 -14.44 -5.83 9.18
CA VAL A 126 -14.42 -4.37 9.27
C VAL A 126 -14.90 -3.82 7.93
N ALA A 127 -15.79 -2.82 7.97
CA ALA A 127 -16.33 -2.23 6.75
C ALA A 127 -15.41 -1.13 6.22
N ALA A 128 -15.22 -1.12 4.89
CA ALA A 128 -14.40 -0.08 4.26
C ALA A 128 -14.80 1.33 4.69
N SER A 129 -16.10 1.61 4.80
CA SER A 129 -16.52 2.96 5.17
C SER A 129 -16.09 3.31 6.60
N ASP A 130 -16.03 2.31 7.49
CA ASP A 130 -15.54 2.58 8.85
C ASP A 130 -14.04 2.88 8.87
N LEU A 131 -13.26 2.14 8.08
CA LEU A 131 -11.85 2.48 7.93
C LEU A 131 -11.69 3.88 7.35
N ARG A 132 -12.50 4.22 6.35
CA ARG A 132 -12.39 5.55 5.76
C ARG A 132 -12.70 6.63 6.78
N GLN A 133 -13.76 6.45 7.57
CA GLN A 133 -14.10 7.45 8.58
C GLN A 133 -12.98 7.61 9.60
N ALA A 134 -12.41 6.49 10.06
CA ALA A 134 -11.30 6.58 11.01
C ALA A 134 -10.10 7.31 10.41
N ALA A 135 -9.82 7.07 9.12
CA ALA A 135 -8.77 7.83 8.44
C ALA A 135 -9.10 9.32 8.38
N THR A 136 -10.39 9.66 8.27
CA THR A 136 -10.78 11.05 8.17
C THR A 136 -10.64 11.79 9.50
N THR A 137 -10.98 11.13 10.62
CA THR A 137 -11.17 11.86 11.87
C THR A 137 -10.23 11.50 13.00
N ALA A 138 -9.59 10.33 12.99
CA ALA A 138 -8.75 9.97 14.12
C ALA A 138 -7.55 10.90 14.20
N SER A 139 -7.04 11.08 15.42
CA SER A 139 -5.90 11.96 15.61
C SER A 139 -4.61 11.28 15.14
N GLN A 140 -3.59 12.11 14.91
CA GLN A 140 -2.31 11.60 14.45
C GLN A 140 -1.75 10.59 15.45
N GLY A 141 -1.84 10.89 16.76
CA GLY A 141 -1.35 9.97 17.76
C GLY A 141 -2.07 8.64 17.73
N GLU A 142 -3.38 8.67 17.52
CA GLU A 142 -4.15 7.44 17.41
C GLU A 142 -3.80 6.64 16.17
N LEU A 143 -3.39 7.31 15.09
CA LEU A 143 -3.03 6.58 13.88
C LEU A 143 -1.54 6.26 13.80
N ASP A 144 -0.77 6.69 14.81
CA ASP A 144 0.68 6.49 14.81
C ASP A 144 1.32 7.11 13.56
N VAL A 145 0.76 8.23 13.12
CA VAL A 145 1.38 8.93 12.00
C VAL A 145 2.83 9.23 12.37
N PRO A 146 3.82 8.87 11.56
CA PRO A 146 5.21 9.14 11.92
C PRO A 146 5.56 10.61 11.87
N ASP A 147 6.63 10.96 12.58
CA ASP A 147 7.00 12.36 12.73
C ASP A 147 7.29 13.01 11.39
N TRP A 148 8.03 12.31 10.51
CA TRP A 148 8.35 12.89 9.21
C TRP A 148 7.13 13.19 8.36
N ALA A 149 5.96 12.66 8.70
CA ALA A 149 4.75 12.86 7.92
C ALA A 149 3.76 13.79 8.61
N SER A 150 4.08 14.25 9.82
CA SER A 150 3.12 14.91 10.68
C SER A 150 2.58 16.20 10.06
N ASN A 151 3.48 17.03 9.52
CA ASN A 151 3.04 18.29 8.96
C ASN A 151 2.30 18.09 7.64
N GLY A 152 2.75 17.12 6.83
CA GLY A 152 2.01 16.80 5.61
C GLY A 152 0.58 16.36 5.90
N VAL A 153 0.41 15.45 6.86
CA VAL A 153 -0.93 15.04 7.25
C VAL A 153 -1.71 16.24 7.79
N ASN A 154 -1.06 17.07 8.59
CA ASN A 154 -1.78 18.16 9.26
C ASN A 154 -2.34 19.16 8.27
N ALA A 155 -1.64 19.40 7.15
CA ALA A 155 -2.15 20.34 6.17
C ALA A 155 -3.39 19.84 5.42
N VAL A 156 -3.85 18.61 5.63
CA VAL A 156 -5.04 18.10 4.96
C VAL A 156 -6.05 17.75 6.04
N ARG A 157 -7.14 18.52 6.11
CA ARG A 157 -8.07 18.47 7.23
C ARG A 157 -9.38 17.81 6.80
N ASP A 158 -9.88 16.89 7.64
CA ASP A 158 -11.17 16.23 7.44
C ASP A 158 -11.27 15.56 6.08
N ASP A 159 -10.15 15.02 5.59
CA ASP A 159 -10.12 14.21 4.39
C ASP A 159 -9.27 12.97 4.66
N HIS A 160 -9.81 11.78 4.32
CA HIS A 160 -9.03 10.56 4.52
C HIS A 160 -7.73 10.58 3.71
N ARG A 161 -7.70 11.35 2.62
CA ARG A 161 -6.50 11.38 1.78
C ARG A 161 -5.31 11.95 2.52
N ARG A 162 -5.51 12.51 3.72
CA ARG A 162 -4.40 12.97 4.53
C ARG A 162 -3.41 11.86 4.85
N ILE A 163 -3.83 10.60 4.84
CA ILE A 163 -2.91 9.49 5.13
C ILE A 163 -2.43 8.78 3.85
N GLU A 164 -2.72 9.33 2.67
CA GLU A 164 -2.26 8.71 1.43
C GLU A 164 -0.74 8.52 1.45
N GLY A 165 -0.29 7.38 0.92
CA GLY A 165 1.11 7.06 0.93
C GLY A 165 1.61 6.45 2.23
N LEU A 166 0.91 6.64 3.34
CA LEU A 166 1.41 6.16 4.63
C LEU A 166 1.22 4.66 4.82
N ILE A 167 0.26 4.04 4.15
CA ILE A 167 0.11 2.59 4.16
C ILE A 167 0.78 2.09 2.89
N ALA A 168 1.92 1.42 3.07
CA ALA A 168 2.81 1.11 1.96
C ALA A 168 2.35 -0.12 1.19
N ALA A 169 2.79 -0.20 -0.07
CA ALA A 169 2.72 -1.44 -0.82
C ALA A 169 3.51 -2.52 -0.10
N GLY A 170 2.97 -3.72 -0.07
CA GLY A 170 3.67 -4.79 0.63
C GLY A 170 2.69 -5.84 1.12
N ARG A 171 3.14 -6.60 2.11
CA ARG A 171 2.37 -7.68 2.69
C ARG A 171 2.39 -7.51 4.21
N TRP A 172 1.22 -7.44 4.81
CA TRP A 172 1.09 -6.98 6.18
C TRP A 172 0.15 -7.90 6.94
N ASP A 173 0.34 -7.96 8.26
CA ASP A 173 -0.58 -8.66 9.15
C ASP A 173 -1.24 -7.65 10.08
N PHE A 174 -2.54 -7.81 10.32
CA PHE A 174 -3.21 -6.97 11.30
C PHE A 174 -4.27 -7.80 12.02
N ASP A 175 -4.57 -7.40 13.26
CA ASP A 175 -5.59 -8.06 14.07
C ASP A 175 -6.98 -7.76 13.50
N PRO A 176 -7.69 -8.75 12.94
CA PRO A 176 -9.00 -8.47 12.32
C PRO A 176 -10.09 -8.07 13.30
N MET A 177 -9.89 -8.28 14.61
CA MET A 177 -10.86 -7.92 15.63
C MET A 177 -10.60 -6.56 16.27
N ALA A 178 -9.52 -5.89 15.93
CA ALA A 178 -9.25 -4.59 16.52
C ALA A 178 -10.16 -3.51 15.93
N GLU A 179 -10.17 -2.34 16.56
CA GLU A 179 -10.91 -1.20 16.06
C GLU A 179 -10.31 -0.69 14.74
N PRO A 180 -11.10 0.01 13.92
CA PRO A 180 -10.54 0.56 12.67
C PRO A 180 -9.32 1.47 12.87
N GLU A 181 -9.35 2.32 13.91
CA GLU A 181 -8.20 3.18 14.13
C GLU A 181 -6.96 2.35 14.45
N GLN A 182 -7.10 1.30 15.26
CA GLN A 182 -5.91 0.54 15.62
C GLN A 182 -5.41 -0.28 14.42
N ILE A 183 -6.32 -0.74 13.56
CA ILE A 183 -5.90 -1.43 12.35
C ILE A 183 -5.07 -0.50 11.48
N LEU A 184 -5.60 0.70 11.20
CA LEU A 184 -4.84 1.67 10.41
C LEU A 184 -3.51 2.01 11.07
N ALA A 185 -3.50 2.16 12.40
CA ALA A 185 -2.26 2.51 13.09
C ALA A 185 -1.21 1.42 12.95
N SER A 186 -1.60 0.15 13.08
CA SER A 186 -0.60 -0.90 12.96
C SER A 186 -0.07 -0.97 11.53
N LEU A 187 -0.96 -0.79 10.54
CA LEU A 187 -0.49 -0.74 9.15
C LEU A 187 0.51 0.40 8.94
N ILE A 188 0.23 1.56 9.52
CA ILE A 188 1.09 2.73 9.32
C ILE A 188 2.44 2.53 10.02
N ARG A 189 2.44 1.87 11.20
CA ARG A 189 3.70 1.56 11.88
C ARG A 189 4.55 0.57 11.09
N GLU A 190 3.93 -0.50 10.60
CA GLU A 190 4.69 -1.45 9.79
C GLU A 190 5.22 -0.80 8.52
N SER A 191 4.41 0.06 7.90
CA SER A 191 4.86 0.74 6.70
C SER A 191 6.00 1.69 7.01
N ASN A 192 5.97 2.34 8.17
CA ASN A 192 7.06 3.25 8.52
C ASN A 192 8.36 2.48 8.67
N ALA A 193 8.32 1.29 9.28
CA ALA A 193 9.53 0.48 9.37
C ALA A 193 10.04 0.08 7.99
N GLN A 194 9.13 -0.31 7.08
CA GLN A 194 9.58 -0.66 5.72
C GLN A 194 10.16 0.55 5.01
N TYR A 195 9.50 1.71 5.11
CA TYR A 195 10.00 2.92 4.48
C TYR A 195 11.40 3.24 4.99
N GLN A 196 11.62 3.09 6.30
CA GLN A 196 12.96 3.28 6.85
C GLN A 196 13.94 2.32 6.21
N GLN A 197 13.58 1.04 6.14
CA GLN A 197 14.45 0.04 5.55
C GLN A 197 14.77 0.36 4.08
N LEU A 198 13.86 1.04 3.37
CA LEU A 198 14.01 1.34 1.95
C LEU A 198 14.66 2.70 1.73
N GLY A 199 15.20 3.32 2.78
CA GLY A 199 16.02 4.50 2.63
C GLY A 199 15.29 5.83 2.70
N LEU A 200 14.00 5.84 3.02
CA LEU A 200 13.23 7.09 2.98
C LEU A 200 13.74 8.14 3.97
N LEU A 201 14.26 7.71 5.12
CA LEU A 201 14.64 8.65 6.15
C LEU A 201 16.12 9.00 6.13
N SER A 202 16.92 8.33 5.33
CA SER A 202 18.36 8.47 5.37
C SER A 202 18.90 8.85 3.99
N SER A 203 18.13 9.64 3.23
CA SER A 203 18.51 10.03 1.88
C SER A 203 19.31 11.33 1.91
N ASP A 204 20.33 11.42 1.05
CA ASP A 204 21.18 12.59 0.95
C ASP A 204 20.87 13.45 -0.27
N ALA A 205 19.70 13.27 -0.88
CA ALA A 205 19.31 14.07 -2.03
C ALA A 205 19.00 15.50 -1.58
N ALA A 206 19.80 16.46 -2.06
CA ALA A 206 19.75 17.81 -1.50
C ALA A 206 18.36 18.43 -1.61
N GLY A 207 17.94 19.10 -0.54
CA GLY A 207 16.73 19.89 -0.57
C GLY A 207 15.42 19.13 -0.59
N LEU A 208 15.40 17.87 -0.16
CA LEU A 208 14.18 17.09 -0.12
C LEU A 208 13.97 16.48 1.24
N SER A 209 12.80 16.69 1.81
CA SER A 209 12.39 16.02 3.04
C SER A 209 11.94 14.59 2.76
N PRO A 210 11.91 13.73 3.78
CA PRO A 210 11.40 12.36 3.57
C PRO A 210 9.98 12.34 3.01
N TYR A 211 9.11 13.23 3.49
CA TYR A 211 7.75 13.31 2.95
C TYR A 211 7.75 13.68 1.48
N GLN A 212 8.62 14.62 1.09
CA GLN A 212 8.71 14.99 -0.32
C GLN A 212 9.20 13.81 -1.17
N VAL A 213 10.17 13.06 -0.66
CA VAL A 213 10.64 11.90 -1.40
C VAL A 213 9.51 10.91 -1.61
N LEU A 214 8.70 10.67 -0.57
CA LEU A 214 7.55 9.78 -0.73
C LEU A 214 6.61 10.31 -1.81
N VAL A 215 6.33 11.61 -1.79
CA VAL A 215 5.43 12.19 -2.79
C VAL A 215 5.98 11.95 -4.20
N VAL A 216 7.27 12.25 -4.41
CA VAL A 216 7.87 12.06 -5.73
C VAL A 216 7.74 10.60 -6.18
N ALA A 217 8.10 9.65 -5.29
CA ALA A 217 7.97 8.23 -5.64
C ALA A 217 6.55 7.87 -6.05
N SER A 218 5.54 8.41 -5.33
CA SER A 218 4.15 8.10 -5.68
C SER A 218 3.79 8.66 -7.07
N LEU A 219 4.34 9.84 -7.41
CA LEU A 219 4.17 10.36 -8.77
C LEU A 219 4.84 9.45 -9.79
N LEU A 220 6.10 9.09 -9.57
CA LEU A 220 6.80 8.22 -10.51
C LEU A 220 6.02 6.94 -10.76
N GLN A 221 5.49 6.37 -9.68
CA GLN A 221 4.77 5.10 -9.75
C GLN A 221 3.57 5.23 -10.66
N ARG A 222 2.92 6.40 -10.65
CA ARG A 222 1.75 6.60 -11.50
C ARG A 222 2.06 7.12 -12.91
N GLU A 223 3.20 7.78 -13.15
CA GLU A 223 3.45 8.42 -14.45
C GLU A 223 4.40 7.66 -15.37
N ALA A 224 5.16 6.71 -14.85
CA ALA A 224 6.25 6.11 -15.62
C ALA A 224 6.25 4.60 -15.43
N LYS A 225 6.87 3.92 -16.39
CA LYS A 225 7.21 2.52 -16.27
C LYS A 225 8.42 2.38 -15.36
N PRO A 226 8.54 1.26 -14.62
CA PRO A 226 9.70 1.11 -13.72
C PRO A 226 11.04 1.42 -14.35
N ARG A 227 11.25 1.01 -15.62
CA ARG A 227 12.53 1.26 -16.28
C ARG A 227 12.90 2.74 -16.28
N ASP A 228 11.91 3.62 -16.36
CA ASP A 228 12.18 5.05 -16.49
C ASP A 228 12.14 5.80 -15.16
N PHE A 229 11.82 5.11 -14.04
CA PHE A 229 11.64 5.82 -12.76
C PHE A 229 12.77 6.82 -12.51
N ALA A 230 14.02 6.34 -12.55
CA ALA A 230 15.16 7.18 -12.18
C ALA A 230 15.22 8.43 -13.03
N LYS A 231 15.02 8.28 -14.35
CA LYS A 231 15.10 9.44 -15.23
C LYS A 231 13.95 10.40 -14.99
N VAL A 232 12.74 9.87 -14.77
CA VAL A 232 11.62 10.75 -14.51
C VAL A 232 11.86 11.48 -13.20
N ALA A 233 12.53 10.82 -12.26
CA ALA A 233 12.85 11.51 -11.01
C ALA A 233 13.69 12.73 -11.30
N ARG A 234 14.70 12.59 -12.18
CA ARG A 234 15.53 13.75 -12.51
C ARG A 234 14.68 14.83 -13.16
N VAL A 235 13.76 14.45 -14.05
CA VAL A 235 12.87 15.42 -14.70
C VAL A 235 12.12 16.19 -13.63
N VAL A 236 11.61 15.48 -12.62
CA VAL A 236 10.82 16.16 -11.60
C VAL A 236 11.69 17.20 -10.89
N TYR A 237 12.89 16.78 -10.46
CA TYR A 237 13.71 17.73 -9.71
C TYR A 237 14.16 18.88 -10.61
N ASN A 238 14.43 18.60 -11.90
CA ASN A 238 14.85 19.68 -12.77
C ASN A 238 13.72 20.69 -12.91
N ARG A 239 12.50 20.21 -13.06
CA ARG A 239 11.40 21.13 -13.18
C ARG A 239 11.21 21.89 -11.88
N LEU A 240 11.38 21.22 -10.74
CA LEU A 240 11.20 21.93 -9.48
C LEU A 240 12.21 23.05 -9.39
N ALA A 241 13.45 22.77 -9.83
CA ALA A 241 14.48 23.79 -9.75
C ALA A 241 14.19 24.93 -10.72
N LYS A 242 13.64 24.63 -11.88
CA LYS A 242 13.43 25.68 -12.86
C LYS A 242 12.07 26.35 -12.70
N HIS A 243 11.30 25.95 -11.68
CA HIS A 243 9.96 26.47 -11.43
C HIS A 243 9.09 26.36 -12.68
N GLN A 244 9.08 25.16 -13.23
CA GLN A 244 8.18 24.70 -14.27
C GLN A 244 7.20 23.73 -13.64
N LYS A 245 5.91 23.90 -13.94
CA LYS A 245 4.91 23.00 -13.36
C LYS A 245 5.16 21.57 -13.86
N LEU A 246 4.84 20.61 -12.99
CA LEU A 246 5.09 19.20 -13.35
C LEU A 246 4.15 18.76 -14.46
N GLU A 247 2.91 19.23 -14.43
CA GLU A 247 1.87 18.87 -15.41
C GLU A 247 1.72 17.36 -15.55
N PHE A 248 1.52 16.70 -14.42
CA PHE A 248 1.32 15.25 -14.39
C PHE A 248 -0.17 14.93 -14.45
N ASP A 249 -0.56 14.09 -15.43
CA ASP A 249 -1.96 13.67 -15.52
C ASP A 249 -2.41 12.91 -14.29
N SER A 250 -1.52 12.14 -13.68
CA SER A 250 -1.92 11.37 -12.50
C SER A 250 -2.31 12.29 -11.34
N THR A 251 -1.75 13.49 -11.28
CA THR A 251 -2.18 14.40 -10.21
C THR A 251 -3.57 14.99 -10.48
N VAL A 252 -4.02 15.04 -11.75
CA VAL A 252 -5.40 15.39 -12.05
C VAL A 252 -6.33 14.21 -11.76
N ASN A 253 -5.92 13.01 -12.17
CA ASN A 253 -6.78 11.86 -12.02
C ASN A 253 -6.88 11.37 -10.58
N TYR A 254 -5.87 11.64 -9.73
CA TYR A 254 -5.86 11.04 -8.41
C TYR A 254 -7.13 11.35 -7.61
N PRO A 255 -7.52 12.62 -7.42
CA PRO A 255 -8.68 12.88 -6.56
C PRO A 255 -10.00 12.52 -7.21
N LEU A 256 -10.02 12.33 -8.53
CA LEU A 256 -11.23 11.86 -9.19
C LEU A 256 -11.35 10.34 -9.10
N ASP A 257 -10.39 9.67 -8.50
CA ASP A 257 -10.38 8.22 -8.38
C ASP A 257 -10.63 7.56 -9.73
N ARG A 258 -9.85 7.96 -10.75
CA ARG A 258 -9.97 7.35 -12.07
C ARG A 258 -8.59 6.99 -12.60
N GLN A 259 -8.57 5.95 -13.44
CA GLN A 259 -7.34 5.30 -13.87
C GLN A 259 -6.65 6.14 -14.94
N GLU A 260 -5.53 5.61 -15.45
CA GLU A 260 -4.76 6.32 -16.46
C GLU A 260 -5.63 6.62 -17.67
N VAL A 261 -5.93 7.90 -17.88
CA VAL A 261 -6.74 8.36 -19.01
C VAL A 261 -6.29 9.78 -19.34
N ALA A 262 -6.48 10.18 -20.60
CA ALA A 262 -6.22 11.55 -20.99
C ALA A 262 -7.11 12.50 -20.19
N THR A 263 -6.60 13.71 -19.98
CA THR A 263 -7.33 14.73 -19.21
C THR A 263 -7.70 15.90 -20.12
N THR A 264 -8.92 16.39 -19.94
CA THR A 264 -9.40 17.60 -20.60
C THR A 264 -8.80 18.85 -19.96
N ASP A 265 -8.87 19.96 -20.71
CA ASP A 265 -8.43 21.24 -20.15
C ASP A 265 -9.30 21.67 -18.97
N GLU A 266 -10.57 21.24 -18.95
CA GLU A 266 -11.44 21.48 -17.80
C GLU A 266 -10.91 20.78 -16.55
N ASP A 267 -10.57 19.50 -16.68
CA ASP A 267 -10.00 18.77 -15.54
C ASP A 267 -8.67 19.39 -15.10
N ARG A 268 -7.79 19.72 -16.06
CA ARG A 268 -6.50 20.30 -15.73
C ARG A 268 -6.64 21.64 -15.04
N GLU A 269 -7.76 22.34 -15.23
CA GLU A 269 -7.95 23.65 -14.59
C GLU A 269 -8.50 23.57 -13.16
N ARG A 270 -9.16 22.48 -12.77
CA ARG A 270 -9.67 22.37 -11.40
C ARG A 270 -8.55 22.53 -10.37
N LYS A 271 -8.72 23.47 -9.45
CA LYS A 271 -7.73 23.71 -8.40
C LYS A 271 -7.92 22.69 -7.29
N THR A 272 -6.88 21.90 -7.00
CA THR A 272 -6.91 20.96 -5.88
C THR A 272 -5.57 21.02 -5.16
N LEU A 273 -5.50 20.31 -4.02
CA LEU A 273 -4.23 20.18 -3.30
C LEU A 273 -3.17 19.44 -4.10
N TRP A 274 -3.57 18.72 -5.16
CA TRP A 274 -2.69 17.82 -5.89
C TRP A 274 -2.39 18.25 -7.33
N ASN A 275 -3.19 19.13 -7.93
CA ASN A 275 -3.12 19.41 -9.36
C ASN A 275 -1.83 20.13 -9.73
N THR A 276 -1.00 19.48 -10.54
CA THR A 276 0.29 20.06 -10.97
C THR A 276 0.22 20.69 -12.35
N TYR A 277 -0.96 20.76 -12.96
CA TYR A 277 -1.14 21.66 -14.10
C TYR A 277 -1.44 23.09 -13.62
N VAL A 278 -2.06 23.21 -12.46
CA VAL A 278 -2.51 24.48 -11.89
C VAL A 278 -1.39 25.15 -11.10
N SER A 279 -0.69 24.40 -10.27
CA SER A 279 0.27 24.97 -9.34
C SER A 279 1.68 24.47 -9.59
N GLN A 280 2.65 25.30 -9.27
CA GLN A 280 4.02 24.83 -9.20
C GLN A 280 4.20 23.92 -8.00
N GLY A 281 5.26 23.11 -8.05
CA GLY A 281 5.63 22.28 -6.91
C GLY A 281 5.04 20.88 -6.92
N LEU A 282 5.30 20.16 -5.83
CA LEU A 282 4.80 18.80 -5.70
C LEU A 282 3.35 18.79 -5.23
N SER A 283 2.68 17.72 -5.55
CA SER A 283 1.38 17.39 -4.98
C SER A 283 1.41 17.51 -3.46
N GLY A 284 0.27 17.89 -2.86
CA GLY A 284 0.23 18.12 -1.42
C GLY A 284 0.51 16.87 -0.60
N THR A 285 -0.04 15.74 -1.03
CA THR A 285 0.18 14.44 -0.42
C THR A 285 0.59 13.49 -1.51
N PRO A 286 1.17 12.31 -1.16
CA PRO A 286 1.35 11.26 -2.17
C PRO A 286 0.03 10.94 -2.85
N ILE A 287 0.08 10.42 -4.07
CA ILE A 287 -1.11 10.06 -4.82
C ILE A 287 -1.25 8.54 -4.97
N SER A 288 -0.36 7.77 -4.35
CA SER A 288 -0.41 6.31 -4.42
C SER A 288 0.61 5.74 -3.44
N SER A 289 0.59 4.41 -3.28
CA SER A 289 1.57 3.70 -2.47
C SER A 289 2.69 3.17 -3.37
N PRO A 290 3.86 3.80 -3.41
CA PRO A 290 4.87 3.47 -4.43
C PRO A 290 5.61 2.18 -4.14
N SER A 291 6.13 1.60 -5.23
CA SER A 291 6.97 0.41 -5.15
C SER A 291 8.34 0.75 -4.57
N PRO A 292 9.06 -0.25 -4.07
CA PRO A 292 10.45 0.00 -3.65
C PRO A 292 11.33 0.64 -4.71
N GLU A 293 11.18 0.27 -5.98
CA GLU A 293 12.02 0.84 -7.03
C GLU A 293 11.71 2.33 -7.27
N ALA A 294 10.43 2.71 -7.22
CA ALA A 294 10.10 4.13 -7.30
C ALA A 294 10.73 4.90 -6.15
N LEU A 295 10.71 4.33 -4.95
CA LEU A 295 11.39 4.95 -3.81
C LEU A 295 12.87 5.15 -4.10
N GLN A 296 13.53 4.09 -4.61
CA GLN A 296 14.98 4.19 -4.87
C GLN A 296 15.26 5.26 -5.92
N ALA A 297 14.43 5.33 -6.97
CA ALA A 297 14.59 6.36 -7.98
C ALA A 297 14.40 7.76 -7.42
N ALA A 298 13.38 7.95 -6.58
CA ALA A 298 13.19 9.26 -5.97
C ALA A 298 14.36 9.63 -5.07
N GLU A 299 15.00 8.63 -4.43
CA GLU A 299 16.17 8.90 -3.60
C GLU A 299 17.43 9.16 -4.43
N ARG A 300 17.54 8.55 -5.60
CA ARG A 300 18.78 8.57 -6.38
C ARG A 300 18.45 8.83 -7.84
N PRO A 301 17.95 10.03 -8.14
CA PRO A 301 17.64 10.35 -9.54
C PRO A 301 18.87 10.23 -10.43
N GLU A 302 18.67 9.68 -11.61
CA GLU A 302 19.76 9.56 -12.55
C GLU A 302 20.26 10.95 -12.96
N PRO A 303 21.57 11.18 -13.01
CA PRO A 303 22.07 12.51 -13.43
C PRO A 303 21.72 12.81 -14.88
N GLY A 304 21.37 14.06 -15.14
CA GLY A 304 21.00 14.49 -16.48
C GLY A 304 20.22 15.79 -16.44
N ASP A 305 19.99 16.35 -17.62
CA ASP A 305 19.42 17.68 -17.70
C ASP A 305 17.98 17.69 -18.23
N TRP A 306 17.34 16.52 -18.32
CA TRP A 306 16.06 16.43 -19.00
C TRP A 306 14.99 17.23 -18.29
N LEU A 307 14.09 17.80 -19.09
CA LEU A 307 12.89 18.44 -18.57
C LEU A 307 11.61 17.86 -19.13
N TYR A 308 11.70 16.98 -20.14
CA TYR A 308 10.56 16.50 -20.90
C TYR A 308 10.76 15.03 -21.21
N PHE A 309 9.66 14.29 -21.30
CA PHE A 309 9.72 12.89 -21.68
C PHE A 309 8.38 12.48 -22.28
N VAL A 310 8.43 11.57 -23.25
CA VAL A 310 7.20 11.03 -23.84
C VAL A 310 7.49 9.65 -24.40
N THR A 311 6.50 8.75 -24.28
CA THR A 311 6.61 7.39 -24.82
C THR A 311 6.15 7.40 -26.28
N ILE A 312 6.99 6.87 -27.16
CA ILE A 312 6.82 7.09 -28.60
C ILE A 312 6.38 5.84 -29.38
N ASP A 313 6.50 4.62 -28.85
CA ASP A 313 6.12 3.48 -29.69
C ASP A 313 5.55 2.32 -28.85
N ALA A 314 5.33 1.20 -29.55
CA ALA A 314 4.71 -0.01 -28.99
C ALA A 314 5.59 -0.66 -27.92
N GLU A 315 6.90 -0.76 -28.18
CA GLU A 315 7.78 -1.38 -27.18
C GLU A 315 8.05 -0.49 -25.99
N GLY A 316 7.34 0.62 -25.83
CA GLY A 316 7.50 1.46 -24.65
C GLY A 316 8.75 2.31 -24.61
N THR A 317 9.37 2.58 -25.76
CA THR A 317 10.49 3.51 -25.76
C THR A 317 10.03 4.88 -25.29
N THR A 318 10.84 5.50 -24.44
CA THR A 318 10.50 6.80 -23.88
C THR A 318 11.68 7.73 -24.12
N LEU A 319 11.43 8.83 -24.83
CA LEU A 319 12.49 9.80 -25.14
C LEU A 319 12.45 10.92 -24.12
N PHE A 320 13.62 11.22 -23.55
CA PHE A 320 13.83 12.29 -22.58
C PHE A 320 14.65 13.37 -23.27
N THR A 321 14.32 14.63 -23.00
CA THR A 321 15.10 15.72 -23.55
C THR A 321 15.02 16.94 -22.64
N ALA A 322 16.01 17.83 -22.79
CA ALA A 322 15.95 19.16 -22.20
C ALA A 322 15.50 20.24 -23.20
N ASP A 323 15.36 19.91 -24.48
CA ASP A 323 14.99 20.88 -25.51
C ASP A 323 13.51 20.75 -25.83
N TYR A 324 12.77 21.86 -25.67
CA TYR A 324 11.33 21.81 -25.85
C TYR A 324 10.93 21.50 -27.30
N ASN A 325 11.64 22.06 -28.29
CA ASN A 325 11.29 21.78 -29.67
C ASN A 325 11.50 20.30 -29.99
N GLU A 326 12.57 19.71 -29.44
CA GLU A 326 12.76 18.27 -29.62
C GLU A 326 11.63 17.49 -28.95
N HIS A 327 11.16 17.96 -27.80
CA HIS A 327 10.03 17.31 -27.14
C HIS A 327 8.78 17.36 -28.02
N LEU A 328 8.50 18.52 -28.64
CA LEU A 328 7.36 18.61 -29.55
C LEU A 328 7.48 17.60 -30.69
N ALA A 329 8.69 17.51 -31.26
CA ALA A 329 8.93 16.52 -32.31
C ALA A 329 8.66 15.11 -31.81
N ASN A 330 9.07 14.81 -30.56
CA ASN A 330 8.86 13.46 -30.04
C ASN A 330 7.38 13.19 -29.80
N ILE A 331 6.64 14.21 -29.37
CA ILE A 331 5.19 14.06 -29.22
C ILE A 331 4.55 13.69 -30.56
N GLU A 332 4.92 14.43 -31.62
CA GLU A 332 4.40 14.11 -32.95
C GLU A 332 4.79 12.70 -33.37
N LEU A 333 6.03 12.29 -33.07
CA LEU A 333 6.46 10.93 -33.37
C LEU A 333 5.58 9.90 -32.70
N ALA A 334 5.21 10.15 -31.43
CA ALA A 334 4.26 9.27 -30.77
C ALA A 334 2.91 9.24 -31.51
N LYS A 335 2.49 10.38 -32.05
CA LYS A 335 1.22 10.40 -32.79
C LYS A 335 1.32 9.61 -34.09
N LYS A 336 2.39 9.80 -34.84
CA LYS A 336 2.54 9.05 -36.09
C LYS A 336 2.66 7.55 -35.83
N ASN A 337 3.34 7.16 -34.75
CA ASN A 337 3.51 5.75 -34.39
C ASN A 337 2.25 5.14 -33.77
N GLY A 338 1.15 5.89 -33.66
CA GLY A 338 -0.09 5.37 -33.17
C GLY A 338 -0.28 5.38 -31.66
N ILE A 339 0.74 5.73 -30.87
CA ILE A 339 0.64 5.63 -29.42
C ILE A 339 -0.32 6.66 -28.84
N LEU A 340 -0.28 7.89 -29.36
CA LEU A 340 -1.03 8.99 -28.79
C LEU A 340 -2.07 9.47 -29.80
N ASP A 341 -3.21 9.91 -29.27
CA ASP A 341 -4.27 10.44 -30.12
C ASP A 341 -3.79 11.67 -30.87
N SER A 342 -4.18 11.76 -32.14
CA SER A 342 -3.85 12.91 -32.96
C SER A 342 -4.42 14.20 -32.37
N ALA A 343 -5.58 14.12 -31.72
CA ALA A 343 -6.21 15.27 -31.09
C ALA A 343 -6.75 14.89 -29.73
N ARG A 344 -6.72 15.85 -28.80
CA ARG A 344 -7.26 15.66 -27.47
C ARG A 344 -8.76 15.94 -27.44
#